data_9DD2
#
_entry.id   9DD2
#
_cell.length_a   62.379
_cell.length_b   62.379
_cell.length_c   78.501
_cell.angle_alpha   90.000
_cell.angle_beta   90.000
_cell.angle_gamma   90.000
#
_symmetry.space_group_name_H-M   'P 43'
#
loop_
_entity.id
_entity.type
_entity.pdbx_description
1 polymer 'Designed allosteric facilitated dissociation switch AS5 H'
2 water water
#
_entity_poly.entity_id   1
_entity_poly.type   'polypeptide(L)'
_entity_poly.pdbx_seq_one_letter_code
;MSGSLREEIRKLAEQLSEKYKDEEIRELAREAAELAEESDDPEVLELAYEALKKGLELEDEEKVKLILLAAVLAARVARG
EVPEEKLEIALKALELAEASEDERIIRGALRAALAAARTDDPLALEVVLEALERAQASEDERLIRAILAAAYAFALLAVA
GASAERLKEAEAIVKELIAAAEKGASPQELVLLVIEMMVKGMGVTMETHRSGNEVKVVIKGLHESQQEVLLEAVLFAAEL
MGVRVRIRFKGDTVTIVVREGSGSHHWGSTHHHHHH
;
_entity_poly.pdbx_strand_id   A
#
# COMPACT_ATOMS: atom_id res chain seq x y z
N SER A 4 -30.82 -18.15 -8.74
CA SER A 4 -29.49 -18.57 -9.15
C SER A 4 -28.50 -17.42 -9.08
N LEU A 5 -28.74 -16.50 -8.13
CA LEU A 5 -27.88 -15.33 -8.01
C LEU A 5 -26.44 -15.73 -7.67
N ARG A 6 -26.28 -16.63 -6.70
CA ARG A 6 -24.93 -17.02 -6.29
C ARG A 6 -24.17 -17.70 -7.41
N GLU A 7 -24.88 -18.47 -8.23
CA GLU A 7 -24.22 -19.09 -9.38
C GLU A 7 -23.92 -18.07 -10.46
N GLU A 8 -24.77 -17.04 -10.59
CA GLU A 8 -24.49 -15.95 -11.52
C GLU A 8 -23.27 -15.14 -11.08
N ILE A 9 -23.17 -14.87 -9.78
CA ILE A 9 -21.97 -14.25 -9.23
C ILE A 9 -20.74 -15.08 -9.58
N ARG A 10 -20.84 -16.40 -9.42
CA ARG A 10 -19.73 -17.27 -9.79
C ARG A 10 -19.43 -17.15 -11.28
N LYS A 11 -20.47 -16.98 -12.10
CA LYS A 11 -20.25 -16.84 -13.54
C LYS A 11 -19.50 -15.56 -13.87
N LEU A 12 -19.88 -14.45 -13.25
CA LEU A 12 -19.13 -13.20 -13.41
C LEU A 12 -17.68 -13.38 -13.00
N ALA A 13 -17.44 -14.10 -11.90
CA ALA A 13 -16.07 -14.36 -11.48
C ALA A 13 -15.33 -15.20 -12.50
N GLU A 14 -16.02 -16.10 -13.21
CA GLU A 14 -15.34 -16.91 -14.22
C GLU A 14 -15.02 -16.08 -15.45
N GLN A 15 -15.94 -15.18 -15.84
CA GLN A 15 -15.68 -14.33 -16.99
C GLN A 15 -14.61 -13.28 -16.68
N LEU A 16 -14.65 -12.71 -15.47
CA LEU A 16 -13.56 -11.84 -15.05
C LEU A 16 -12.24 -12.59 -15.06
N SER A 17 -12.26 -13.86 -14.64
CA SER A 17 -11.06 -14.69 -14.66
C SER A 17 -10.65 -15.10 -16.07
N GLU A 18 -11.57 -15.01 -17.03
CA GLU A 18 -11.19 -15.21 -18.41
C GLU A 18 -10.67 -13.93 -19.03
N LYS A 19 -11.23 -12.78 -18.61
CA LYS A 19 -10.79 -11.49 -19.14
C LYS A 19 -9.37 -11.17 -18.70
N TYR A 20 -9.03 -11.43 -17.45
CA TYR A 20 -7.70 -11.14 -16.91
C TYR A 20 -7.00 -12.44 -16.55
N LYS A 21 -5.74 -12.56 -16.94
CA LYS A 21 -4.90 -13.70 -16.57
C LYS A 21 -4.10 -13.45 -15.31
N ASP A 22 -4.18 -12.25 -14.76
CA ASP A 22 -3.38 -11.88 -13.59
C ASP A 22 -3.71 -12.79 -12.40
N GLU A 23 -2.67 -13.20 -11.68
CA GLU A 23 -2.84 -14.15 -10.58
C GLU A 23 -3.64 -13.54 -9.44
N GLU A 24 -3.40 -12.26 -9.14
CA GLU A 24 -4.08 -11.61 -8.03
C GLU A 24 -5.57 -11.44 -8.32
N ILE A 25 -5.91 -11.00 -9.53
CA ILE A 25 -7.32 -10.85 -9.90
C ILE A 25 -8.02 -12.19 -9.87
N ARG A 26 -7.35 -13.24 -10.35
CA ARG A 26 -8.00 -14.56 -10.35
C ARG A 26 -8.23 -15.06 -8.93
N GLU A 27 -7.27 -14.88 -8.03
CA GLU A 27 -7.45 -15.33 -6.66
C GLU A 27 -8.51 -14.50 -5.93
N LEU A 28 -8.47 -13.16 -6.09
CA LEU A 28 -9.52 -12.34 -5.49
C LEU A 28 -10.89 -12.68 -6.08
N ALA A 29 -10.96 -12.94 -7.39
CA ALA A 29 -12.23 -13.30 -7.98
C ALA A 29 -12.73 -14.64 -7.44
N ARG A 30 -11.83 -15.61 -7.32
CA ARG A 30 -12.19 -16.89 -6.75
C ARG A 30 -12.67 -16.74 -5.31
N GLU A 31 -11.98 -15.92 -4.52
CA GLU A 31 -12.39 -15.71 -3.13
C GLU A 31 -13.75 -15.03 -3.06
N ALA A 32 -13.99 -14.04 -3.93
CA ALA A 32 -15.27 -13.36 -3.91
C ALA A 32 -16.40 -14.31 -4.30
N ALA A 33 -16.18 -15.13 -5.33
CA ALA A 33 -17.18 -16.11 -5.71
C ALA A 33 -17.48 -17.07 -4.57
N GLU A 34 -16.43 -17.60 -3.94
CA GLU A 34 -16.62 -18.61 -2.90
C GLU A 34 -17.29 -18.03 -1.65
N LEU A 35 -16.88 -16.84 -1.23
CA LEU A 35 -17.53 -16.20 -0.09
C LEU A 35 -19.00 -15.93 -0.38
N ALA A 36 -19.32 -15.47 -1.59
CA ALA A 36 -20.72 -15.27 -1.96
C ALA A 36 -21.48 -16.59 -1.96
N GLU A 37 -20.87 -17.65 -2.48
CA GLU A 37 -21.58 -18.92 -2.55
C GLU A 37 -21.81 -19.52 -1.16
N GLU A 38 -20.91 -19.24 -0.21
CA GLU A 38 -21.04 -19.70 1.17
C GLU A 38 -21.99 -18.83 2.00
N SER A 39 -22.42 -17.69 1.47
CA SER A 39 -23.20 -16.73 2.23
C SER A 39 -24.69 -16.99 2.07
N ASP A 40 -25.42 -16.93 3.17
CA ASP A 40 -26.87 -16.85 3.16
C ASP A 40 -27.36 -15.42 3.31
N ASP A 41 -26.45 -14.46 3.13
CA ASP A 41 -26.73 -13.05 3.37
C ASP A 41 -27.00 -12.36 2.05
N PRO A 42 -28.22 -11.88 1.79
CA PRO A 42 -28.52 -11.32 0.47
C PRO A 42 -27.80 -10.01 0.20
N GLU A 43 -27.28 -9.34 1.22
CA GLU A 43 -26.51 -8.13 0.99
C GLU A 43 -25.08 -8.45 0.54
N VAL A 44 -24.50 -9.52 1.09
CA VAL A 44 -23.18 -9.95 0.63
C VAL A 44 -23.27 -10.39 -0.82
N LEU A 45 -24.36 -11.05 -1.19
CA LEU A 45 -24.57 -11.39 -2.58
C LEU A 45 -24.68 -10.14 -3.44
N GLU A 46 -25.38 -9.12 -2.93
CA GLU A 46 -25.57 -7.88 -3.69
C GLU A 46 -24.24 -7.19 -3.96
N LEU A 47 -23.42 -7.02 -2.92
CA LEU A 47 -22.12 -6.36 -3.09
C LEU A 47 -21.18 -7.18 -3.98
N ALA A 48 -21.13 -8.50 -3.75
CA ALA A 48 -20.29 -9.35 -4.58
C ALA A 48 -20.72 -9.29 -6.04
N TYR A 49 -22.02 -9.21 -6.30
CA TYR A 49 -22.50 -9.13 -7.68
C TYR A 49 -22.06 -7.82 -8.32
N GLU A 50 -22.25 -6.71 -7.60
CA GLU A 50 -21.95 -5.41 -8.18
C GLU A 50 -20.45 -5.19 -8.30
N ALA A 51 -19.67 -5.62 -7.30
CA ALA A 51 -18.22 -5.51 -7.40
C ALA A 51 -17.69 -6.31 -8.57
N LEU A 52 -18.24 -7.51 -8.80
CA LEU A 52 -17.82 -8.28 -9.95
C LEU A 52 -18.33 -7.69 -11.26
N LYS A 53 -19.46 -6.97 -11.22
CA LYS A 53 -19.98 -6.35 -12.42
C LYS A 53 -19.19 -5.10 -12.81
N LYS A 54 -18.89 -4.25 -11.82
CA LYS A 54 -17.99 -3.12 -12.07
C LYS A 54 -16.61 -3.60 -12.49
N GLY A 55 -16.14 -4.72 -11.94
CA GLY A 55 -14.83 -5.24 -12.30
C GLY A 55 -14.74 -5.63 -13.76
N LEU A 56 -15.86 -6.01 -14.38
CA LEU A 56 -15.90 -6.28 -15.80
C LEU A 56 -16.08 -5.01 -16.62
N GLU A 57 -16.57 -3.93 -16.01
CA GLU A 57 -16.78 -2.67 -16.72
C GLU A 57 -15.55 -1.78 -16.72
N LEU A 58 -14.66 -1.94 -15.74
CA LEU A 58 -13.50 -1.06 -15.61
C LEU A 58 -12.42 -1.43 -16.62
N GLU A 59 -11.68 -0.41 -17.09
CA GLU A 59 -10.59 -0.66 -18.01
C GLU A 59 -9.23 -0.81 -17.32
N ASP A 60 -9.09 -0.36 -16.07
CA ASP A 60 -7.82 -0.35 -15.36
C ASP A 60 -7.75 -1.56 -14.43
N GLU A 61 -6.82 -2.49 -14.71
CA GLU A 61 -6.73 -3.72 -13.93
C GLU A 61 -6.29 -3.47 -12.49
N GLU A 62 -5.63 -2.35 -12.20
CA GLU A 62 -5.32 -2.04 -10.81
C GLU A 62 -6.58 -1.61 -10.06
N LYS A 63 -7.52 -0.94 -10.74
CA LYS A 63 -8.78 -0.61 -10.10
C LYS A 63 -9.65 -1.85 -9.95
N VAL A 64 -9.47 -2.82 -10.86
CA VAL A 64 -10.14 -4.11 -10.72
C VAL A 64 -9.74 -4.76 -9.41
N LYS A 65 -8.43 -4.79 -9.14
CA LYS A 65 -7.92 -5.39 -7.91
C LYS A 65 -8.48 -4.69 -6.68
N LEU A 66 -8.48 -3.36 -6.68
CA LEU A 66 -9.02 -2.59 -5.56
C LEU A 66 -10.48 -2.92 -5.30
N ILE A 67 -11.29 -2.95 -6.35
CA ILE A 67 -12.71 -3.26 -6.21
C ILE A 67 -12.89 -4.65 -5.62
N LEU A 68 -12.09 -5.62 -6.10
CA LEU A 68 -12.28 -6.99 -5.62
C LEU A 68 -11.80 -7.15 -4.19
N LEU A 69 -10.67 -6.52 -3.85
CA LEU A 69 -10.17 -6.59 -2.49
C LEU A 69 -11.21 -6.04 -1.51
N ALA A 70 -11.85 -4.92 -1.85
CA ALA A 70 -12.85 -4.35 -0.96
C ALA A 70 -14.04 -5.27 -0.78
N ALA A 71 -14.48 -5.92 -1.86
CA ALA A 71 -15.61 -6.85 -1.77
C ALA A 71 -15.27 -8.06 -0.90
N VAL A 72 -14.08 -8.63 -1.10
CA VAL A 72 -13.67 -9.78 -0.30
C VAL A 72 -13.59 -9.39 1.17
N LEU A 73 -12.96 -8.25 1.47
CA LEU A 73 -12.87 -7.81 2.86
C LEU A 73 -14.25 -7.54 3.46
N ALA A 74 -15.18 -6.98 2.67
CA ALA A 74 -16.53 -6.74 3.17
C ALA A 74 -17.24 -8.05 3.48
N ALA A 75 -17.12 -9.04 2.60
CA ALA A 75 -17.71 -10.35 2.89
C ALA A 75 -17.11 -10.98 4.13
N ARG A 76 -15.81 -10.80 4.35
N ARG A 76 -15.81 -10.79 4.37
CA ARG A 76 -15.17 -11.36 5.53
CA ARG A 76 -15.19 -11.38 5.55
C ARG A 76 -15.57 -10.61 6.80
C ARG A 76 -15.55 -10.61 6.82
N VAL A 77 -15.76 -9.29 6.71
CA VAL A 77 -16.25 -8.53 7.85
C VAL A 77 -17.66 -8.99 8.22
N ALA A 78 -18.48 -9.32 7.22
CA ALA A 78 -19.82 -9.83 7.47
C ALA A 78 -19.81 -11.13 8.27
N ARG A 79 -18.71 -11.88 8.22
CA ARG A 79 -18.56 -13.12 8.96
C ARG A 79 -17.73 -12.96 10.22
N GLY A 80 -17.34 -11.74 10.55
CA GLY A 80 -16.54 -11.51 11.74
C GLY A 80 -15.13 -12.01 11.66
N GLU A 81 -14.59 -12.15 10.44
CA GLU A 81 -13.30 -12.78 10.20
C GLU A 81 -12.14 -11.80 10.16
N VAL A 82 -12.40 -10.54 9.80
CA VAL A 82 -11.32 -9.56 9.69
C VAL A 82 -11.75 -8.28 10.39
N PRO A 83 -10.83 -7.48 10.92
CA PRO A 83 -11.23 -6.25 11.59
C PRO A 83 -11.74 -5.22 10.60
N GLU A 84 -12.73 -4.44 11.05
CA GLU A 84 -13.38 -3.45 10.19
C GLU A 84 -12.37 -2.48 9.60
N GLU A 85 -11.27 -2.22 10.31
CA GLU A 85 -10.27 -1.28 9.84
C GLU A 85 -9.68 -1.70 8.49
N LYS A 86 -9.56 -3.01 8.25
CA LYS A 86 -9.03 -3.43 6.95
C LYS A 86 -9.97 -3.05 5.81
N LEU A 87 -11.28 -3.24 6.00
CA LEU A 87 -12.26 -2.80 5.01
C LEU A 87 -12.22 -1.28 4.86
N GLU A 88 -12.15 -0.55 5.97
CA GLU A 88 -12.11 0.91 5.90
C GLU A 88 -10.89 1.38 5.11
N ILE A 89 -9.76 0.71 5.30
CA ILE A 89 -8.54 1.07 4.57
C ILE A 89 -8.73 0.79 3.08
N ALA A 90 -9.26 -0.39 2.74
CA ALA A 90 -9.50 -0.70 1.34
C ALA A 90 -10.44 0.28 0.68
N LEU A 91 -11.49 0.70 1.40
CA LEU A 91 -12.47 1.62 0.83
C LEU A 91 -11.88 3.01 0.64
N LYS A 92 -11.09 3.47 1.61
CA LYS A 92 -10.44 4.77 1.46
C LYS A 92 -9.44 4.74 0.31
N ALA A 93 -8.72 3.63 0.17
CA ALA A 93 -7.80 3.48 -0.97
C ALA A 93 -8.56 3.50 -2.29
N LEU A 94 -9.68 2.79 -2.36
CA LEU A 94 -10.53 2.84 -3.54
C LEU A 94 -10.98 4.27 -3.84
N GLU A 95 -11.32 5.03 -2.78
CA GLU A 95 -11.73 6.42 -2.96
C GLU A 95 -10.61 7.25 -3.58
N LEU A 96 -9.39 7.11 -3.06
CA LEU A 96 -8.25 7.83 -3.64
C LEU A 96 -8.05 7.44 -5.09
N ALA A 97 -8.17 6.15 -5.39
CA ALA A 97 -7.90 5.67 -6.74
C ALA A 97 -8.94 6.19 -7.72
N GLU A 98 -10.21 6.23 -7.30
CA GLU A 98 -11.27 6.67 -8.22
C GLU A 98 -11.21 8.17 -8.49
N ALA A 99 -10.59 8.95 -7.61
CA ALA A 99 -10.46 10.38 -7.81
C ALA A 99 -9.26 10.77 -8.67
N SER A 100 -8.49 9.80 -9.16
CA SER A 100 -7.22 10.09 -9.80
C SER A 100 -7.13 9.43 -11.16
N GLU A 101 -6.44 10.11 -12.07
CA GLU A 101 -6.00 9.51 -13.33
C GLU A 101 -4.54 9.08 -13.25
N ASP A 102 -3.84 9.43 -12.17
CA ASP A 102 -2.40 9.18 -12.02
C ASP A 102 -2.20 7.75 -11.53
N GLU A 103 -1.62 6.91 -12.39
CA GLU A 103 -1.50 5.50 -12.05
C GLU A 103 -0.59 5.28 -10.84
N ARG A 104 0.27 6.25 -10.53
CA ARG A 104 1.10 6.13 -9.33
C ARG A 104 0.22 6.13 -8.09
N ILE A 105 -0.81 6.99 -8.07
CA ILE A 105 -1.74 7.03 -6.94
C ILE A 105 -2.62 5.79 -6.91
N ILE A 106 -3.11 5.36 -8.08
CA ILE A 106 -3.93 4.15 -8.14
C ILE A 106 -3.16 2.93 -7.63
N ARG A 107 -1.93 2.73 -8.14
CA ARG A 107 -1.11 1.61 -7.67
C ARG A 107 -0.70 1.76 -6.21
N GLY A 108 -0.34 2.99 -5.80
CA GLY A 108 0.02 3.22 -4.40
C GLY A 108 -1.13 2.91 -3.45
N ALA A 109 -2.35 3.28 -3.85
CA ALA A 109 -3.51 3.01 -3.01
C ALA A 109 -3.73 1.51 -2.84
N LEU A 110 -3.58 0.74 -3.92
CA LEU A 110 -3.71 -0.70 -3.84
C LEU A 110 -2.61 -1.33 -3.00
N ARG A 111 -1.35 -0.92 -3.22
CA ARG A 111 -0.26 -1.50 -2.43
C ARG A 111 -0.47 -1.27 -0.95
N ALA A 112 -0.86 -0.05 -0.57
CA ALA A 112 -1.07 0.25 0.84
C ALA A 112 -2.20 -0.58 1.42
N ALA A 113 -3.29 -0.75 0.66
CA ALA A 113 -4.41 -1.55 1.14
C ALA A 113 -4.03 -3.01 1.29
N LEU A 114 -3.27 -3.54 0.33
CA LEU A 114 -2.87 -4.94 0.42
C LEU A 114 -1.87 -5.18 1.54
N ALA A 115 -0.93 -4.25 1.73
CA ALA A 115 0.03 -4.40 2.82
C ALA A 115 -0.67 -4.32 4.18
N ALA A 116 -1.62 -3.40 4.33
CA ALA A 116 -2.41 -3.33 5.56
C ALA A 116 -3.20 -4.60 5.79
N ALA A 117 -3.70 -5.22 4.73
CA ALA A 117 -4.47 -6.46 4.88
C ALA A 117 -3.63 -7.59 5.46
N ARG A 118 -2.30 -7.48 5.39
CA ARG A 118 -1.40 -8.53 5.87
C ARG A 118 -0.96 -8.33 7.32
N THR A 119 -1.46 -7.32 8.03
CA THR A 119 -1.14 -7.18 9.44
C THR A 119 -2.41 -7.10 10.29
N ASP A 120 -2.34 -7.66 11.49
CA ASP A 120 -3.44 -7.62 12.44
C ASP A 120 -3.19 -6.65 13.60
N ASP A 121 -2.06 -5.97 13.61
CA ASP A 121 -1.77 -4.99 14.65
C ASP A 121 -2.78 -3.85 14.60
N PRO A 122 -3.61 -3.68 15.63
CA PRO A 122 -4.60 -2.59 15.59
C PRO A 122 -3.98 -1.22 15.51
N LEU A 123 -2.87 -1.00 16.23
CA LEU A 123 -2.20 0.29 16.19
C LEU A 123 -1.71 0.62 14.78
N ALA A 124 -1.16 -0.38 14.09
CA ALA A 124 -0.65 -0.14 12.74
C ALA A 124 -1.79 0.11 11.75
N LEU A 125 -2.89 -0.63 11.88
CA LEU A 125 -4.03 -0.40 11.00
C LEU A 125 -4.58 1.02 11.18
N GLU A 126 -4.62 1.52 12.41
CA GLU A 126 -5.16 2.86 12.61
C GLU A 126 -4.24 3.90 11.99
N VAL A 127 -2.92 3.70 12.07
CA VAL A 127 -1.98 4.65 11.44
C VAL A 127 -2.19 4.68 9.93
N VAL A 128 -2.33 3.50 9.30
CA VAL A 128 -2.52 3.46 7.85
C VAL A 128 -3.84 4.11 7.47
N LEU A 129 -4.91 3.79 8.21
CA LEU A 129 -6.21 4.40 7.91
C LEU A 129 -6.15 5.91 8.06
N GLU A 130 -5.55 6.41 9.14
CA GLU A 130 -5.47 7.86 9.30
C GLU A 130 -4.65 8.50 8.19
N ALA A 131 -3.57 7.83 7.76
CA ALA A 131 -2.76 8.36 6.67
C ALA A 131 -3.59 8.46 5.39
N LEU A 132 -4.29 7.39 5.04
CA LEU A 132 -5.09 7.45 3.82
C LEU A 132 -6.23 8.47 3.94
N GLU A 133 -6.79 8.64 5.14
CA GLU A 133 -7.82 9.66 5.33
C GLU A 133 -7.25 11.06 5.11
N ARG A 134 -6.04 11.30 5.61
CA ARG A 134 -5.39 12.59 5.40
C ARG A 134 -5.09 12.82 3.93
N ALA A 135 -4.67 11.77 3.21
CA ALA A 135 -4.48 11.87 1.77
C ALA A 135 -5.76 12.26 1.06
N GLN A 136 -6.86 11.58 1.38
CA GLN A 136 -8.11 11.86 0.69
C GLN A 136 -8.60 13.28 0.96
N ALA A 137 -8.27 13.83 2.12
CA ALA A 137 -8.67 15.20 2.47
C ALA A 137 -7.79 16.25 1.79
N SER A 138 -6.96 15.86 0.82
CA SER A 138 -6.04 16.74 0.11
C SER A 138 -6.51 16.97 -1.32
N GLU A 139 -6.28 18.18 -1.82
CA GLU A 139 -6.38 18.45 -3.24
C GLU A 139 -5.05 18.23 -3.94
N ASP A 140 -3.95 18.24 -3.20
CA ASP A 140 -2.62 18.13 -3.78
C ASP A 140 -2.31 16.66 -4.01
N GLU A 141 -2.33 16.26 -5.29
CA GLU A 141 -1.89 14.92 -5.65
C GLU A 141 -0.41 14.69 -5.33
N ARG A 142 0.39 15.75 -5.24
CA ARG A 142 1.76 15.56 -4.80
C ARG A 142 1.81 15.12 -3.34
N LEU A 143 0.99 15.73 -2.49
CA LEU A 143 0.91 15.27 -1.10
C LEU A 143 0.34 13.86 -1.02
N ILE A 144 -0.67 13.55 -1.85
CA ILE A 144 -1.24 12.21 -1.84
C ILE A 144 -0.16 11.16 -2.15
N ARG A 145 0.68 11.43 -3.14
CA ARG A 145 1.70 10.43 -3.48
C ARG A 145 2.70 10.26 -2.34
N ALA A 146 3.08 11.35 -1.69
CA ALA A 146 3.98 11.28 -0.55
C ALA A 146 3.36 10.49 0.60
N ILE A 147 2.08 10.73 0.88
CA ILE A 147 1.43 10.02 1.97
C ILE A 147 1.33 8.53 1.66
N LEU A 148 0.97 8.18 0.41
CA LEU A 148 0.90 6.78 0.05
C LEU A 148 2.23 6.08 0.24
N ALA A 149 3.33 6.75 -0.13
CA ALA A 149 4.64 6.13 0.03
C ALA A 149 4.95 5.91 1.50
N ALA A 150 4.60 6.88 2.35
CA ALA A 150 4.85 6.76 3.78
C ALA A 150 3.97 5.67 4.39
N ALA A 151 2.70 5.62 4.01
CA ALA A 151 1.78 4.62 4.54
C ALA A 151 2.21 3.21 4.17
N TYR A 152 2.65 3.03 2.91
CA TYR A 152 3.10 1.70 2.48
C TYR A 152 4.36 1.29 3.22
N ALA A 153 5.33 2.20 3.31
CA ALA A 153 6.59 1.91 4.01
C ALA A 153 6.31 1.52 5.45
N PHE A 154 5.43 2.28 6.11
CA PHE A 154 5.05 1.99 7.49
C PHE A 154 4.37 0.64 7.59
N ALA A 155 3.47 0.31 6.66
CA ALA A 155 2.76 -0.96 6.71
C ALA A 155 3.71 -2.14 6.49
N LEU A 156 4.70 -1.99 5.61
CA LEU A 156 5.70 -3.04 5.44
C LEU A 156 6.45 -3.30 6.75
N LEU A 157 6.80 -2.24 7.48
CA LEU A 157 7.48 -2.43 8.77
C LEU A 157 6.61 -3.20 9.74
N ALA A 158 5.31 -2.90 9.79
CA ALA A 158 4.41 -3.65 10.66
C ALA A 158 4.35 -5.11 10.24
N VAL A 159 4.13 -5.37 8.94
CA VAL A 159 4.06 -6.74 8.45
C VAL A 159 5.33 -7.50 8.77
N ALA A 160 6.49 -6.84 8.63
CA ALA A 160 7.78 -7.48 8.91
C ALA A 160 7.99 -7.74 10.39
N GLY A 161 7.09 -7.29 11.26
CA GLY A 161 7.17 -7.59 12.67
C GLY A 161 7.97 -6.61 13.50
N ALA A 162 8.10 -5.36 13.06
CA ALA A 162 8.78 -4.38 13.88
C ALA A 162 8.06 -4.22 15.22
N SER A 163 8.83 -3.93 16.26
CA SER A 163 8.28 -3.80 17.60
C SER A 163 7.39 -2.57 17.70
N ALA A 164 6.54 -2.56 18.73
CA ALA A 164 5.68 -1.41 18.97
C ALA A 164 6.48 -0.14 19.19
N GLU A 165 7.64 -0.26 19.84
CA GLU A 165 8.50 0.93 20.03
C GLU A 165 9.05 1.41 18.70
N ARG A 166 9.47 0.49 17.83
N ARG A 166 9.49 0.47 17.85
CA ARG A 166 10.02 0.89 16.54
CA ARG A 166 10.01 0.83 16.52
C ARG A 166 8.91 1.38 15.60
C ARG A 166 8.91 1.40 15.64
N LEU A 167 7.71 0.81 15.69
CA LEU A 167 6.60 1.33 14.90
C LEU A 167 6.21 2.72 15.39
N LYS A 168 6.29 2.98 16.69
CA LYS A 168 6.04 4.33 17.19
C LYS A 168 7.06 5.31 16.64
N GLU A 169 8.33 4.90 16.53
CA GLU A 169 9.34 5.75 15.93
C GLU A 169 9.07 5.97 14.45
N ALA A 170 8.70 4.91 13.74
CA ALA A 170 8.35 5.05 12.32
C ALA A 170 7.15 5.96 12.14
N GLU A 171 6.16 5.87 13.03
CA GLU A 171 4.99 6.74 12.94
C GLU A 171 5.38 8.20 13.10
N ALA A 172 6.37 8.49 13.95
CA ALA A 172 6.88 9.86 14.06
C ALA A 172 7.47 10.33 12.74
N ILE A 173 8.16 9.45 12.03
CA ILE A 173 8.72 9.83 10.74
C ILE A 173 7.61 10.01 9.70
N VAL A 174 6.56 9.18 9.75
CA VAL A 174 5.39 9.39 8.90
C VAL A 174 4.89 10.82 9.08
N LYS A 175 4.71 11.25 10.33
CA LYS A 175 4.25 12.62 10.58
C LYS A 175 5.24 13.66 10.05
N GLU A 176 6.54 13.47 10.27
CA GLU A 176 7.52 14.39 9.72
C GLU A 176 7.45 14.46 8.21
N LEU A 177 7.30 13.30 7.56
CA LEU A 177 7.24 13.27 6.10
C LEU A 177 6.05 14.06 5.59
N ILE A 178 4.89 13.87 6.23
CA ILE A 178 3.69 14.58 5.78
C ILE A 178 3.86 16.08 5.97
N ALA A 179 4.39 16.49 7.14
CA ALA A 179 4.64 17.92 7.34
C ALA A 179 5.65 18.46 6.33
N ALA A 180 6.70 17.68 6.04
CA ALA A 180 7.68 18.12 5.05
C ALA A 180 7.03 18.32 3.69
N ALA A 181 6.24 17.35 3.24
CA ALA A 181 5.57 17.46 1.95
C ALA A 181 4.67 18.70 1.90
N GLU A 182 3.94 18.97 2.99
CA GLU A 182 3.09 20.16 3.06
C GLU A 182 3.89 21.44 2.92
N LYS A 183 5.11 21.46 3.45
CA LYS A 183 5.98 22.63 3.37
C LYS A 183 6.69 22.75 2.03
N GLY A 184 6.55 21.78 1.15
CA GLY A 184 7.15 21.85 -0.17
C GLY A 184 8.46 21.11 -0.33
N ALA A 185 8.72 20.09 0.48
CA ALA A 185 9.94 19.32 0.35
C ALA A 185 10.03 18.69 -1.04
N SER A 186 11.24 18.55 -1.55
CA SER A 186 11.44 18.02 -2.88
C SER A 186 11.10 16.52 -2.90
N PRO A 187 10.79 15.98 -4.08
CA PRO A 187 10.62 14.51 -4.19
C PRO A 187 11.81 13.72 -3.64
N GLN A 188 13.03 14.17 -3.93
CA GLN A 188 14.23 13.52 -3.41
C GLN A 188 14.24 13.53 -1.89
N GLU A 189 13.89 14.66 -1.29
CA GLU A 189 13.86 14.74 0.16
C GLU A 189 12.79 13.85 0.78
N LEU A 190 11.66 13.68 0.08
CA LEU A 190 10.62 12.79 0.60
C LEU A 190 11.05 11.33 0.51
N VAL A 191 11.74 10.94 -0.57
CA VAL A 191 12.31 9.59 -0.63
C VAL A 191 13.34 9.40 0.47
N LEU A 192 14.16 10.42 0.72
CA LEU A 192 15.11 10.36 1.83
C LEU A 192 14.40 10.09 3.16
N LEU A 193 13.25 10.73 3.39
CA LEU A 193 12.51 10.51 4.62
C LEU A 193 11.98 9.07 4.73
N VAL A 194 11.60 8.45 3.61
CA VAL A 194 11.21 7.05 3.64
C VAL A 194 12.40 6.17 4.03
N ILE A 195 13.59 6.47 3.49
CA ILE A 195 14.79 5.71 3.90
C ILE A 195 14.99 5.82 5.41
N GLU A 196 14.88 7.03 5.94
CA GLU A 196 15.01 7.24 7.38
C GLU A 196 13.98 6.43 8.15
N MET A 197 12.73 6.41 7.68
CA MET A 197 11.70 5.66 8.37
C MET A 197 12.05 4.19 8.45
N MET A 198 12.54 3.62 7.35
CA MET A 198 12.88 2.21 7.34
C MET A 198 14.10 1.96 8.21
N VAL A 199 15.09 2.85 8.14
CA VAL A 199 16.31 2.66 8.93
C VAL A 199 16.00 2.69 10.43
N LYS A 200 15.22 3.68 10.86
CA LYS A 200 14.82 3.75 12.27
C LYS A 200 13.95 2.55 12.65
N GLY A 201 13.03 2.15 11.76
CA GLY A 201 12.16 1.04 12.05
C GLY A 201 12.87 -0.30 12.15
N MET A 202 14.07 -0.40 11.59
CA MET A 202 14.86 -1.61 11.68
C MET A 202 16.00 -1.49 12.67
N GLY A 203 16.10 -0.37 13.37
CA GLY A 203 17.06 -0.24 14.46
C GLY A 203 18.50 -0.07 14.04
N VAL A 204 18.76 0.51 12.87
CA VAL A 204 20.13 0.74 12.42
C VAL A 204 20.38 2.23 12.23
N THR A 205 21.55 2.57 11.71
CA THR A 205 21.86 3.95 11.39
C THR A 205 22.22 4.07 9.91
N MET A 206 22.28 5.32 9.47
CA MET A 206 22.52 5.62 8.08
C MET A 206 23.45 6.81 7.99
N GLU A 207 24.18 6.87 6.89
CA GLU A 207 25.16 7.91 6.63
C GLU A 207 24.81 8.56 5.29
N THR A 208 24.37 9.81 5.34
CA THR A 208 23.88 10.53 4.17
C THR A 208 24.94 11.47 3.63
N HIS A 209 25.18 11.37 2.32
CA HIS A 209 26.10 12.24 1.58
C HIS A 209 25.32 12.94 0.47
N ARG A 210 25.53 14.24 0.33
CA ARG A 210 24.84 15.04 -0.69
C ARG A 210 25.89 15.70 -1.58
N SER A 211 26.08 15.13 -2.78
CA SER A 211 27.05 15.62 -3.75
C SER A 211 26.31 16.20 -4.94
N GLY A 212 26.46 17.49 -5.18
CA GLY A 212 25.70 18.14 -6.24
C GLY A 212 24.23 18.12 -5.90
N ASN A 213 23.42 17.61 -6.82
CA ASN A 213 21.98 17.47 -6.61
C ASN A 213 21.57 16.04 -6.27
N GLU A 214 22.53 15.16 -6.03
CA GLU A 214 22.24 13.78 -5.66
C GLU A 214 22.26 13.61 -4.15
N VAL A 215 21.58 12.56 -3.69
CA VAL A 215 21.61 12.10 -2.31
C VAL A 215 22.10 10.65 -2.29
N LYS A 216 23.12 10.39 -1.49
CA LYS A 216 23.65 9.04 -1.36
C LYS A 216 23.55 8.61 0.10
N VAL A 217 22.92 7.47 0.34
CA VAL A 217 22.78 6.95 1.70
C VAL A 217 23.51 5.62 1.80
N VAL A 218 24.42 5.54 2.78
CA VAL A 218 25.11 4.29 3.09
C VAL A 218 24.50 3.71 4.35
N ILE A 219 24.02 2.48 4.26
CA ILE A 219 23.37 1.79 5.37
C ILE A 219 24.15 0.51 5.67
N LYS A 220 24.72 0.44 6.87
CA LYS A 220 25.48 -0.72 7.32
C LYS A 220 24.73 -1.44 8.44
N GLY A 221 24.94 -2.75 8.52
CA GLY A 221 24.40 -3.53 9.62
C GLY A 221 23.02 -4.08 9.43
N LEU A 222 22.52 -4.14 8.20
CA LEU A 222 21.22 -4.71 7.92
C LEU A 222 21.37 -6.16 7.49
N HIS A 223 20.51 -7.03 8.01
CA HIS A 223 20.39 -8.36 7.46
C HIS A 223 19.72 -8.26 6.09
N GLU A 224 20.05 -9.21 5.21
CA GLU A 224 19.52 -9.17 3.86
C GLU A 224 18.00 -9.33 3.82
N SER A 225 17.40 -9.93 4.85
CA SER A 225 15.95 -9.97 4.94
C SER A 225 15.39 -8.58 5.24
N GLN A 226 16.07 -7.82 6.08
CA GLN A 226 15.70 -6.44 6.32
C GLN A 226 15.97 -5.58 5.10
N GLN A 227 17.10 -5.84 4.41
CA GLN A 227 17.42 -5.08 3.20
C GLN A 227 16.31 -5.23 2.17
N GLU A 228 15.75 -6.43 2.04
CA GLU A 228 14.68 -6.65 1.07
C GLU A 228 13.47 -5.77 1.38
N VAL A 229 13.05 -5.73 2.65
CA VAL A 229 11.87 -4.96 3.02
C VAL A 229 12.13 -3.47 2.88
N LEU A 230 13.31 -3.02 3.31
CA LEU A 230 13.69 -1.61 3.17
C LEU A 230 13.68 -1.19 1.71
N LEU A 231 14.33 -1.98 0.84
CA LEU A 231 14.40 -1.59 -0.57
C LEU A 231 13.04 -1.61 -1.25
N GLU A 232 12.17 -2.55 -0.87
CA GLU A 232 10.81 -2.54 -1.43
C GLU A 232 10.11 -1.23 -1.10
N ALA A 233 10.18 -0.80 0.17
CA ALA A 233 9.59 0.47 0.57
C ALA A 233 10.20 1.64 -0.19
N VAL A 234 11.53 1.65 -0.32
CA VAL A 234 12.20 2.81 -0.88
C VAL A 234 11.99 2.88 -2.40
N LEU A 235 12.10 1.74 -3.08
CA LEU A 235 11.92 1.72 -4.52
C LEU A 235 10.49 2.06 -4.90
N PHE A 236 9.51 1.62 -4.11
CA PHE A 236 8.14 2.02 -4.41
C PHE A 236 7.94 3.51 -4.15
N ALA A 237 8.54 4.03 -3.07
CA ALA A 237 8.45 5.46 -2.79
C ALA A 237 9.03 6.26 -3.93
N ALA A 238 10.15 5.79 -4.50
CA ALA A 238 10.77 6.50 -5.62
C ALA A 238 9.86 6.50 -6.85
N GLU A 239 9.18 5.40 -7.11
CA GLU A 239 8.20 5.35 -8.19
C GLU A 239 7.08 6.36 -7.95
N LEU A 240 6.54 6.39 -6.73
CA LEU A 240 5.48 7.35 -6.43
C LEU A 240 5.96 8.79 -6.59
N MET A 241 7.22 9.07 -6.26
CA MET A 241 7.71 10.44 -6.30
C MET A 241 8.37 10.82 -7.63
N GLY A 242 8.47 9.89 -8.58
CA GLY A 242 9.08 10.16 -9.86
C GLY A 242 10.57 10.44 -9.78
N VAL A 243 11.27 9.70 -8.94
CA VAL A 243 12.70 9.92 -8.70
C VAL A 243 13.46 8.65 -9.05
N ARG A 244 14.66 8.82 -9.62
CA ARG A 244 15.51 7.69 -9.97
C ARG A 244 16.32 7.25 -8.76
N VAL A 245 16.37 5.94 -8.52
CA VAL A 245 17.17 5.35 -7.45
C VAL A 245 18.10 4.32 -8.06
N ARG A 246 19.36 4.32 -7.63
CA ARG A 246 20.32 3.29 -8.01
C ARG A 246 20.90 2.69 -6.73
N ILE A 247 21.02 1.35 -6.72
CA ILE A 247 21.43 0.59 -5.54
C ILE A 247 22.78 -0.07 -5.80
N ARG A 248 23.63 -0.11 -4.76
CA ARG A 248 24.88 -0.87 -4.79
C ARG A 248 24.99 -1.67 -3.50
N PHE A 249 25.46 -2.91 -3.62
CA PHE A 249 25.75 -3.74 -2.45
C PHE A 249 27.25 -3.98 -2.38
N LYS A 250 27.84 -3.68 -1.22
CA LYS A 250 29.24 -4.00 -0.95
C LYS A 250 29.32 -4.61 0.45
N GLY A 251 29.54 -5.91 0.51
CA GLY A 251 29.56 -6.59 1.80
C GLY A 251 28.17 -6.59 2.42
N ASP A 252 28.11 -6.22 3.69
CA ASP A 252 26.85 -6.06 4.42
C ASP A 252 26.28 -4.66 4.28
N THR A 253 26.88 -3.83 3.45
CA THR A 253 26.50 -2.44 3.28
C THR A 253 25.62 -2.30 2.04
N VAL A 254 24.55 -1.53 2.14
CA VAL A 254 23.76 -1.12 0.99
C VAL A 254 23.93 0.37 0.79
N THR A 255 24.13 0.80 -0.46
CA THR A 255 24.25 2.20 -0.81
C THR A 255 23.11 2.56 -1.76
N ILE A 256 22.36 3.60 -1.42
CA ILE A 256 21.18 4.04 -2.18
C ILE A 256 21.47 5.44 -2.71
N VAL A 257 21.44 5.61 -4.02
CA VAL A 257 21.64 6.91 -4.67
C VAL A 257 20.30 7.40 -5.17
N VAL A 258 19.90 8.58 -4.74
CA VAL A 258 18.61 9.18 -5.09
C VAL A 258 18.88 10.40 -5.97
N ARG A 259 18.37 10.37 -7.20
CA ARG A 259 18.53 11.46 -8.14
C ARG A 259 17.16 12.00 -8.52
N GLU A 260 16.95 13.29 -8.30
CA GLU A 260 15.68 13.88 -8.69
C GLU A 260 15.57 13.88 -10.22
N GLY A 261 15.06 12.78 -10.77
CA GLY A 261 14.89 12.65 -12.20
C GLY A 261 13.57 12.00 -12.61
#